data_1LMB
#
_entry.id   1LMB
#
_cell.length_a   37.220
_cell.length_b   68.720
_cell.length_c   57.030
_cell.angle_alpha   90.00
_cell.angle_beta   92.20
_cell.angle_gamma   90.00
#
_symmetry.space_group_name_H-M   'P 1 21 1'
#
loop_
_entity.id
_entity.type
_entity.pdbx_description
1 polymer "DNA (5'-D(*AP*AP*TP*AP*CP*CP*AP*CP*TP*GP*GP*CP*GP*GP*TP*GP*A P*TP*AP*T)-3')"
2 polymer "DNA (5'-D(*TP*AP*TP*AP*TP*CP*AP*CP*CP*GP*CP*CP*AP*GP*TP*GP*G P*TP*AP*T)-3')"
3 polymer 'PROTEIN (LAMBDA REPRESSOR)'
4 water water
#
loop_
_entity_poly.entity_id
_entity_poly.type
_entity_poly.pdbx_seq_one_letter_code
_entity_poly.pdbx_strand_id
1 'polydeoxyribonucleotide' (DA)(DA)(DT)(DA)(DC)(DC)(DA)(DC)(DT)(DG)(DG)(DC)(DG)(DG)(DT)(DG)(DA)(DT)(DA)(DT) 1
2 'polydeoxyribonucleotide' (DT)(DA)(DT)(DA)(DT)(DC)(DA)(DC)(DC)(DG)(DC)(DC)(DA)(DG)(DT)(DG)(DG)(DT)(DA)(DT) 2
3 'polypeptide(L)'
;STKKKPLTQEQLEDARRLKAIYEKKKNELGLSQESVADKMGMGQSGVGALFNGINALNAYNAALLAKILKVSVEEFSPSI
AREIYEMYEAVS
;
3,4
#
# COMPACT_ATOMS: atom_id res chain seq x y z
N PRO C 6 6.81 -7.84 19.28
CA PRO C 6 5.45 -8.23 19.20
C PRO C 6 4.76 -7.16 18.42
N LEU C 7 3.60 -7.45 17.91
CA LEU C 7 2.82 -6.46 17.19
C LEU C 7 2.06 -5.64 18.32
N THR C 8 1.39 -4.51 17.99
CA THR C 8 0.63 -3.71 18.94
C THR C 8 -0.65 -4.43 19.27
N GLN C 9 -1.28 -4.04 20.33
CA GLN C 9 -2.52 -4.64 20.76
C GLN C 9 -3.60 -4.55 19.65
N GLU C 10 -3.68 -3.39 18.97
CA GLU C 10 -4.66 -3.23 17.92
C GLU C 10 -4.34 -4.18 16.76
N GLN C 11 -3.04 -4.34 16.41
CA GLN C 11 -2.60 -5.30 15.36
C GLN C 11 -2.99 -6.73 15.79
N LEU C 12 -2.84 -7.03 17.08
CA LEU C 12 -3.22 -8.37 17.52
C LEU C 12 -4.74 -8.63 17.41
N GLU C 13 -5.53 -7.61 17.69
CA GLU C 13 -6.97 -7.70 17.62
C GLU C 13 -7.43 -7.93 16.18
N ASP C 14 -6.80 -7.18 15.27
CA ASP C 14 -7.04 -7.26 13.84
C ASP C 14 -6.80 -8.71 13.39
N ALA C 15 -5.67 -9.33 13.84
CA ALA C 15 -5.36 -10.72 13.51
C ALA C 15 -6.37 -11.67 14.09
N ARG C 16 -6.86 -11.39 15.31
CA ARG C 16 -7.87 -12.27 15.93
C ARG C 16 -9.18 -12.20 15.14
N ARG C 17 -9.56 -10.98 14.69
CA ARG C 17 -10.80 -10.78 13.92
C ARG C 17 -10.70 -11.54 12.58
N LEU C 18 -9.57 -11.35 11.91
CA LEU C 18 -9.27 -12.01 10.62
C LEU C 18 -9.34 -13.56 10.73
N LYS C 19 -8.66 -14.18 11.69
CA LYS C 19 -8.72 -15.62 11.82
C LYS C 19 -10.12 -16.17 12.15
N ALA C 20 -10.89 -15.37 12.92
CA ALA C 20 -12.25 -15.75 13.31
C ALA C 20 -13.09 -15.84 12.09
N ILE C 21 -12.89 -14.89 11.20
CA ILE C 21 -13.61 -14.87 9.95
C ILE C 21 -13.27 -16.12 9.06
N TYR C 22 -12.00 -16.41 8.96
CA TYR C 22 -11.54 -17.53 8.22
C TYR C 22 -12.11 -18.80 8.82
N GLU C 23 -12.13 -18.88 10.14
CA GLU C 23 -12.63 -20.08 10.77
C GLU C 23 -14.09 -20.30 10.52
N LYS C 24 -14.77 -19.25 10.43
CA LYS C 24 -16.14 -19.35 10.21
C LYS C 24 -16.61 -19.60 8.76
N LYS C 25 -15.85 -19.11 7.79
CA LYS C 25 -16.22 -19.26 6.39
C LYS C 25 -15.45 -20.27 5.66
N LYS C 26 -14.50 -20.86 6.31
CA LYS C 26 -13.71 -21.83 5.60
C LYS C 26 -14.44 -22.98 4.91
N ASN C 27 -15.40 -23.53 5.60
CA ASN C 27 -16.09 -24.62 5.00
C ASN C 27 -16.91 -24.22 3.77
N GLU C 28 -17.75 -23.23 3.93
CA GLU C 28 -18.55 -22.79 2.82
C GLU C 28 -17.76 -22.32 1.58
N LEU C 29 -16.60 -21.71 1.79
CA LEU C 29 -15.77 -21.23 0.71
C LEU C 29 -14.73 -22.30 0.26
N GLY C 30 -14.71 -23.49 0.93
CA GLY C 30 -13.73 -24.59 0.66
C GLY C 30 -12.27 -24.14 0.78
N LEU C 31 -11.94 -23.38 1.82
CA LEU C 31 -10.57 -22.87 1.98
C LEU C 31 -9.69 -23.63 2.99
N SER C 32 -8.39 -23.42 2.94
CA SER C 32 -7.47 -24.02 3.89
C SER C 32 -6.36 -22.99 3.97
N GLN C 33 -5.46 -23.03 4.94
CA GLN C 33 -4.42 -21.99 4.92
C GLN C 33 -3.56 -22.06 3.63
N GLU C 34 -3.34 -23.26 3.06
CA GLU C 34 -2.55 -23.39 1.81
C GLU C 34 -3.25 -22.81 0.59
N SER C 35 -4.55 -23.03 0.45
CA SER C 35 -5.28 -22.50 -0.70
C SER C 35 -5.38 -20.98 -0.64
N VAL C 36 -5.55 -20.45 0.57
CA VAL C 36 -5.61 -19.01 0.68
C VAL C 36 -4.20 -18.53 0.28
N ALA C 37 -3.14 -19.18 0.81
CA ALA C 37 -1.77 -18.81 0.47
C ALA C 37 -1.54 -18.87 -1.04
N ASP C 38 -2.03 -19.99 -1.74
CA ASP C 38 -1.86 -20.11 -3.22
C ASP C 38 -2.43 -18.92 -3.90
N LYS C 39 -3.62 -18.56 -3.48
CA LYS C 39 -4.38 -17.43 -3.99
C LYS C 39 -3.68 -16.05 -3.79
N MET C 40 -2.84 -15.92 -2.78
CA MET C 40 -2.19 -14.64 -2.55
C MET C 40 -0.76 -14.66 -3.04
N GLY C 41 -0.39 -15.80 -3.61
CA GLY C 41 0.92 -15.94 -4.11
C GLY C 41 1.90 -16.16 -3.01
N MET C 42 1.50 -16.74 -1.93
CA MET C 42 2.52 -16.92 -0.97
C MET C 42 2.49 -18.35 -0.44
N GLY C 43 3.15 -18.66 0.69
CA GLY C 43 3.14 -20.05 1.24
C GLY C 43 2.26 -20.18 2.53
N GLN C 44 1.83 -21.39 2.89
CA GLN C 44 1.02 -21.60 4.06
C GLN C 44 1.57 -20.94 5.33
N SER C 45 2.90 -21.07 5.53
CA SER C 45 3.63 -20.49 6.67
C SER C 45 3.37 -18.99 6.77
N GLY C 46 3.45 -18.31 5.64
CA GLY C 46 3.25 -16.87 5.58
C GLY C 46 1.85 -16.47 5.94
N VAL C 47 0.90 -17.25 5.50
CA VAL C 47 -0.48 -16.99 5.78
C VAL C 47 -0.76 -17.25 7.27
N GLY C 48 -0.25 -18.37 7.75
CA GLY C 48 -0.43 -18.69 9.15
C GLY C 48 0.14 -17.57 10.03
N ALA C 49 1.29 -16.98 9.66
CA ALA C 49 1.88 -15.89 10.47
C ALA C 49 0.95 -14.68 10.60
N LEU C 50 0.24 -14.38 9.50
CA LEU C 50 -0.67 -13.25 9.49
C LEU C 50 -1.87 -13.59 10.36
N PHE C 51 -2.46 -14.78 10.17
CA PHE C 51 -3.63 -15.17 10.96
C PHE C 51 -3.36 -15.25 12.42
N ASN C 52 -2.13 -15.58 12.76
CA ASN C 52 -1.76 -15.74 14.15
C ASN C 52 -1.09 -14.55 14.85
N GLY C 53 -1.15 -13.41 14.22
CA GLY C 53 -0.61 -12.26 14.83
C GLY C 53 0.87 -12.34 15.06
N ILE C 54 1.58 -13.01 14.14
CA ILE C 54 3.04 -13.12 14.19
C ILE C 54 3.66 -11.99 13.31
N ASN C 55 3.19 -11.83 12.04
CA ASN C 55 3.70 -10.75 11.14
C ASN C 55 2.63 -9.72 10.97
N ALA C 56 2.95 -8.45 10.80
CA ALA C 56 1.87 -7.47 10.62
C ALA C 56 1.12 -7.50 9.23
N LEU C 57 -0.22 -7.21 9.18
CA LEU C 57 -0.93 -7.14 7.89
C LEU C 57 -0.54 -5.72 7.35
N ASN C 58 -0.52 -5.52 6.04
CA ASN C 58 -0.27 -4.21 5.40
C ASN C 58 -1.56 -4.03 4.50
N ALA C 59 -1.79 -2.86 3.85
CA ALA C 59 -2.96 -2.60 3.00
C ALA C 59 -3.22 -3.59 1.84
N TYR C 60 -2.16 -3.97 1.12
CA TYR C 60 -2.28 -4.90 -0.02
C TYR C 60 -2.81 -6.31 0.38
N ASN C 61 -2.10 -6.95 1.33
CA ASN C 61 -2.47 -8.29 1.83
C ASN C 61 -3.81 -8.26 2.48
N ALA C 62 -4.10 -7.18 3.21
CA ALA C 62 -5.41 -7.08 3.85
C ALA C 62 -6.53 -7.06 2.72
N ALA C 63 -6.31 -6.24 1.65
CA ALA C 63 -7.25 -6.15 0.54
C ALA C 63 -7.40 -7.50 -0.14
N LEU C 64 -6.31 -8.25 -0.34
CA LEU C 64 -6.44 -9.58 -0.97
C LEU C 64 -7.30 -10.55 -0.12
N LEU C 65 -6.96 -10.60 1.17
CA LEU C 65 -7.62 -11.45 2.17
C LEU C 65 -9.13 -11.18 2.21
N ALA C 66 -9.48 -9.87 2.20
CA ALA C 66 -10.87 -9.42 2.21
C ALA C 66 -11.58 -10.01 0.99
N LYS C 67 -10.96 -9.86 -0.18
CA LYS C 67 -11.55 -10.42 -1.39
C LYS C 67 -11.63 -11.94 -1.32
N ILE C 68 -10.58 -12.62 -0.86
CA ILE C 68 -10.61 -14.10 -0.78
C ILE C 68 -11.73 -14.64 0.18
N LEU C 69 -11.93 -13.94 1.32
CA LEU C 69 -12.90 -14.29 2.38
C LEU C 69 -14.31 -13.74 2.14
N LYS C 70 -14.42 -12.86 1.14
CA LYS C 70 -15.69 -12.27 0.78
C LYS C 70 -16.21 -11.39 1.81
N VAL C 71 -15.36 -10.55 2.37
CA VAL C 71 -15.77 -9.61 3.39
C VAL C 71 -15.13 -8.30 3.08
N SER C 72 -15.44 -7.32 3.85
CA SER C 72 -14.88 -6.04 3.66
C SER C 72 -13.69 -5.92 4.61
N VAL C 73 -12.66 -5.14 4.25
CA VAL C 73 -11.49 -4.98 5.12
C VAL C 73 -11.83 -4.55 6.55
N GLU C 74 -12.77 -3.61 6.62
CA GLU C 74 -13.19 -3.08 7.88
C GLU C 74 -13.76 -4.11 8.77
N GLU C 75 -14.05 -5.29 8.25
CA GLU C 75 -14.59 -6.26 9.14
C GLU C 75 -13.55 -6.85 10.05
N PHE C 76 -12.30 -6.71 9.69
CA PHE C 76 -11.29 -7.25 10.56
C PHE C 76 -10.31 -6.16 10.99
N SER C 77 -10.13 -5.20 10.11
CA SER C 77 -9.22 -4.13 10.41
C SER C 77 -9.70 -2.76 9.99
N PRO C 78 -10.41 -2.08 10.89
CA PRO C 78 -10.87 -0.74 10.60
C PRO C 78 -9.74 0.25 10.31
N SER C 79 -8.61 0.10 10.98
CA SER C 79 -7.49 1.03 10.76
C SER C 79 -6.91 0.94 9.33
N ILE C 80 -6.76 -0.29 8.85
CA ILE C 80 -6.23 -0.51 7.49
C ILE C 80 -7.24 -0.02 6.45
N ALA C 81 -8.53 -0.29 6.70
CA ALA C 81 -9.59 0.15 5.81
C ALA C 81 -9.47 1.67 5.69
N ARG C 82 -9.21 2.34 6.82
CA ARG C 82 -9.09 3.80 6.80
C ARG C 82 -7.89 4.26 5.99
N GLU C 83 -6.81 3.51 6.04
CA GLU C 83 -5.65 3.90 5.29
C GLU C 83 -5.90 3.81 3.81
N ILE C 84 -6.59 2.74 3.44
CA ILE C 84 -6.94 2.47 2.05
C ILE C 84 -7.79 3.62 1.41
N TYR C 85 -8.72 4.09 2.20
CA TYR C 85 -9.61 5.12 1.83
C TYR C 85 -8.88 6.41 1.67
N GLU C 86 -7.88 6.60 2.47
CA GLU C 86 -7.15 7.82 2.34
C GLU C 86 -6.25 7.88 1.11
N MET C 87 -5.78 6.74 0.64
CA MET C 87 -4.92 6.70 -0.52
C MET C 87 -5.80 6.95 -1.70
N TYR C 88 -7.00 6.40 -1.62
CA TYR C 88 -7.96 6.57 -2.70
C TYR C 88 -8.35 8.03 -2.89
N GLU C 89 -8.30 8.78 -1.80
CA GLU C 89 -8.61 10.18 -1.84
C GLU C 89 -7.61 10.84 -2.79
N ALA C 90 -6.45 10.19 -3.06
CA ALA C 90 -5.44 10.77 -3.96
C ALA C 90 -5.57 10.34 -5.43
N VAL C 91 -6.54 9.45 -5.76
CA VAL C 91 -6.74 8.98 -7.15
C VAL C 91 -8.09 9.49 -7.60
N SER C 92 -9.06 9.46 -6.60
CA SER C 92 -10.54 9.89 -6.55
C SER C 92 -11.42 9.69 -7.75
N SER D 1 24.17 -5.38 -6.61
CA SER D 1 24.07 -6.54 -5.69
C SER D 1 22.70 -6.86 -5.00
N THR D 2 22.78 -7.74 -4.00
CA THR D 2 21.65 -8.21 -3.24
C THR D 2 20.77 -7.13 -2.45
N LYS D 3 21.49 -6.11 -1.68
CA LYS D 3 20.98 -4.88 -0.84
C LYS D 3 19.86 -4.10 -1.49
N LYS D 4 20.11 -3.60 -2.71
CA LYS D 4 19.11 -2.84 -3.47
C LYS D 4 18.78 -3.50 -4.87
N LYS D 5 17.50 -3.46 -5.28
CA LYS D 5 17.00 -3.99 -6.54
C LYS D 5 16.72 -2.78 -7.54
N PRO D 6 17.14 -2.86 -8.81
CA PRO D 6 16.89 -1.76 -9.73
C PRO D 6 15.40 -1.65 -10.04
N LEU D 7 14.94 -0.46 -10.45
CA LEU D 7 13.51 -0.23 -10.78
C LEU D 7 13.16 -0.74 -12.19
N THR D 8 11.89 -1.11 -12.43
CA THR D 8 11.47 -1.58 -13.74
C THR D 8 11.43 -0.41 -14.66
N GLN D 9 11.17 -0.66 -15.88
CA GLN D 9 11.12 0.43 -16.77
C GLN D 9 9.95 1.27 -16.44
N GLU D 10 8.90 0.60 -16.00
CA GLU D 10 7.73 1.36 -15.65
C GLU D 10 7.86 2.25 -14.42
N GLN D 11 8.57 1.75 -13.43
CA GLN D 11 8.82 2.51 -12.23
C GLN D 11 9.65 3.75 -12.57
N LEU D 12 10.53 3.61 -13.61
CA LEU D 12 11.40 4.71 -14.08
C LEU D 12 10.64 5.81 -14.77
N GLU D 13 9.66 5.45 -15.54
CA GLU D 13 8.93 6.47 -16.19
C GLU D 13 8.07 7.23 -15.19
N ASP D 14 7.54 6.48 -14.20
CA ASP D 14 6.70 7.03 -13.11
C ASP D 14 7.49 8.14 -12.36
N ALA D 15 8.76 7.83 -12.03
CA ALA D 15 9.66 8.75 -11.34
C ALA D 15 9.97 10.02 -12.19
N ARG D 16 10.12 9.87 -13.53
CA ARG D 16 10.39 10.97 -14.45
C ARG D 16 9.18 11.82 -14.49
N ARG D 17 8.00 11.16 -14.55
CA ARG D 17 6.73 11.92 -14.54
C ARG D 17 6.61 12.75 -13.24
N LEU D 18 6.83 12.11 -12.10
CA LEU D 18 6.75 12.75 -10.81
C LEU D 18 7.68 13.97 -10.67
N LYS D 19 8.94 13.79 -11.01
CA LYS D 19 9.92 14.87 -10.94
C LYS D 19 9.57 16.08 -11.85
N ALA D 20 8.94 15.82 -13.02
CA ALA D 20 8.56 16.89 -13.95
C ALA D 20 7.42 17.75 -13.38
N ILE D 21 6.49 17.10 -12.66
CA ILE D 21 5.38 17.77 -12.06
C ILE D 21 5.94 18.65 -10.98
N TYR D 22 6.90 18.09 -10.22
CA TYR D 22 7.57 18.83 -9.13
C TYR D 22 8.32 20.02 -9.67
N GLU D 23 8.98 19.84 -10.76
CA GLU D 23 9.65 20.98 -11.28
C GLU D 23 8.61 22.04 -11.73
N LYS D 24 7.57 21.64 -12.49
CA LYS D 24 6.59 22.61 -12.95
C LYS D 24 5.95 23.33 -11.86
N LYS D 25 5.71 22.65 -10.78
CA LYS D 25 5.03 23.32 -9.74
C LYS D 25 5.74 23.73 -8.53
N LYS D 26 7.00 23.43 -8.32
CA LYS D 26 7.60 23.85 -7.05
C LYS D 26 7.55 25.33 -6.78
N ASN D 27 7.53 26.15 -7.87
CA ASN D 27 7.48 27.59 -7.68
C ASN D 27 6.20 28.04 -7.20
N GLU D 28 5.12 27.68 -7.90
CA GLU D 28 3.82 28.11 -7.48
C GLU D 28 3.40 27.56 -6.15
N LEU D 29 3.95 26.40 -5.77
CA LEU D 29 3.63 25.80 -4.48
C LEU D 29 4.62 26.19 -3.41
N GLY D 30 5.68 26.82 -3.82
CA GLY D 30 6.69 27.20 -2.86
C GLY D 30 7.34 26.00 -2.17
N LEU D 31 7.79 25.06 -2.99
CA LEU D 31 8.42 23.83 -2.51
C LEU D 31 9.92 23.73 -2.79
N SER D 32 10.54 22.82 -2.03
CA SER D 32 11.94 22.44 -2.12
C SER D 32 11.98 20.96 -1.79
N GLN D 33 13.02 20.25 -2.22
CA GLN D 33 13.08 18.85 -1.88
C GLN D 33 13.15 18.71 -0.36
N GLU D 34 13.80 19.66 0.31
CA GLU D 34 13.88 19.58 1.76
C GLU D 34 12.53 19.85 2.38
N SER D 35 11.72 20.76 1.84
CA SER D 35 10.43 20.94 2.46
C SER D 35 9.59 19.71 2.22
N VAL D 36 9.59 19.18 0.96
CA VAL D 36 8.79 17.96 0.64
C VAL D 36 9.16 16.84 1.66
N ALA D 37 10.49 16.59 1.84
CA ALA D 37 11.00 15.57 2.80
C ALA D 37 10.35 15.73 4.18
N ASP D 38 10.39 16.97 4.68
CA ASP D 38 9.82 17.33 5.97
C ASP D 38 8.39 16.89 6.05
N LYS D 39 7.64 17.25 5.02
CA LYS D 39 6.23 16.89 4.97
C LYS D 39 6.03 15.44 4.98
N MET D 40 6.98 14.74 4.51
CA MET D 40 6.77 13.34 4.49
C MET D 40 7.45 12.71 5.65
N GLY D 41 8.22 13.43 6.43
CA GLY D 41 8.89 12.75 7.53
C GLY D 41 10.12 11.91 7.10
N MET D 42 10.91 12.41 6.12
CA MET D 42 12.15 11.76 5.62
C MET D 42 13.18 12.82 5.31
N GLY D 43 14.35 12.46 4.85
CA GLY D 43 15.29 13.50 4.56
C GLY D 43 15.34 13.80 3.07
N GLN D 44 16.06 14.87 2.71
CA GLN D 44 16.20 15.25 1.30
C GLN D 44 16.73 14.11 0.43
N SER D 45 17.65 13.30 0.94
CA SER D 45 18.12 12.22 0.12
C SER D 45 17.04 11.16 -0.14
N GLY D 46 16.09 10.95 0.82
CA GLY D 46 15.00 9.97 0.66
C GLY D 46 14.10 10.44 -0.48
N VAL D 47 13.81 11.75 -0.51
CA VAL D 47 12.97 12.31 -1.57
C VAL D 47 13.70 12.33 -2.88
N GLY D 48 15.01 12.68 -2.83
CA GLY D 48 15.85 12.72 -4.03
C GLY D 48 15.88 11.34 -4.71
N ALA D 49 15.93 10.27 -3.88
CA ALA D 49 15.93 8.89 -4.35
C ALA D 49 14.64 8.59 -5.14
N LEU D 50 13.47 8.99 -4.62
CA LEU D 50 12.19 8.78 -5.31
C LEU D 50 12.14 9.56 -6.59
N PHE D 51 12.48 10.83 -6.52
CA PHE D 51 12.44 11.66 -7.70
C PHE D 51 13.34 11.18 -8.81
N ASN D 52 14.52 10.72 -8.42
CA ASN D 52 15.49 10.30 -9.39
C ASN D 52 15.49 8.86 -9.80
N GLY D 53 14.45 8.11 -9.49
CA GLY D 53 14.36 6.72 -9.87
C GLY D 53 15.37 5.81 -9.24
N ILE D 54 15.73 6.05 -8.00
CA ILE D 54 16.67 5.19 -7.33
C ILE D 54 15.89 4.22 -6.48
N ASN D 55 14.87 4.74 -5.77
CA ASN D 55 14.02 3.91 -4.92
C ASN D 55 12.64 3.98 -5.52
N ALA D 56 11.91 2.93 -5.48
CA ALA D 56 10.61 2.98 -6.07
C ALA D 56 9.56 3.53 -5.16
N LEU D 57 8.50 4.07 -5.75
CA LEU D 57 7.35 4.58 -5.02
C LEU D 57 6.54 3.37 -4.54
N ASN D 58 5.75 3.52 -3.48
CA ASN D 58 4.88 2.48 -3.00
C ASN D 58 3.55 3.19 -2.99
N ALA D 59 2.47 2.52 -2.72
CA ALA D 59 1.19 3.21 -2.75
C ALA D 59 1.03 4.40 -1.77
N TYR D 60 1.57 4.25 -0.58
CA TYR D 60 1.49 5.24 0.45
C TYR D 60 2.23 6.55 0.13
N ASN D 61 3.50 6.43 -0.28
CA ASN D 61 4.35 7.57 -0.69
C ASN D 61 3.75 8.24 -1.91
N ALA D 62 3.26 7.43 -2.85
CA ALA D 62 2.67 8.00 -4.07
C ALA D 62 1.46 8.87 -3.71
N ALA D 63 0.63 8.37 -2.77
CA ALA D 63 -0.54 9.13 -2.35
C ALA D 63 -0.15 10.41 -1.66
N LEU D 64 0.81 10.35 -0.77
CA LEU D 64 1.28 11.52 -0.06
C LEU D 64 1.82 12.61 -0.99
N LEU D 65 2.62 12.22 -1.95
CA LEU D 65 3.23 13.15 -2.88
C LEU D 65 2.18 13.77 -3.77
N ALA D 66 1.20 12.96 -4.13
CA ALA D 66 0.15 13.47 -4.98
C ALA D 66 -0.52 14.61 -4.29
N LYS D 67 -0.79 14.40 -3.01
CA LYS D 67 -1.43 15.40 -2.20
C LYS D 67 -0.57 16.66 -2.05
N ILE D 68 0.70 16.48 -1.77
CA ILE D 68 1.61 17.59 -1.60
C ILE D 68 1.71 18.43 -2.90
N LEU D 69 1.75 17.75 -4.02
CA LEU D 69 1.88 18.43 -5.30
C LEU D 69 0.56 18.81 -5.91
N LYS D 70 -0.50 18.46 -5.22
CA LYS D 70 -1.83 18.70 -5.70
C LYS D 70 -2.12 18.18 -7.11
N VAL D 71 -1.92 16.89 -7.32
CA VAL D 71 -2.25 16.26 -8.60
C VAL D 71 -2.91 14.94 -8.23
N SER D 72 -3.30 14.12 -9.15
CA SER D 72 -3.83 12.88 -8.68
C SER D 72 -2.69 11.97 -8.97
N VAL D 73 -2.60 10.84 -8.26
CA VAL D 73 -1.54 9.86 -8.45
C VAL D 73 -1.44 9.43 -9.92
N GLU D 74 -2.59 9.28 -10.61
CA GLU D 74 -2.51 8.85 -12.01
C GLU D 74 -1.81 9.79 -12.97
N GLU D 75 -1.56 11.01 -12.56
CA GLU D 75 -0.86 11.89 -13.45
C GLU D 75 0.60 11.50 -13.52
N PHE D 76 1.08 10.70 -12.55
CA PHE D 76 2.48 10.25 -12.58
C PHE D 76 2.57 8.76 -12.61
N SER D 77 1.62 8.08 -12.01
CA SER D 77 1.69 6.65 -12.02
C SER D 77 0.36 6.00 -12.12
N PRO D 78 -0.04 5.77 -13.29
CA PRO D 78 -1.30 5.12 -13.50
C PRO D 78 -1.35 3.74 -12.91
N SER D 79 -0.26 3.03 -12.94
CA SER D 79 -0.28 1.70 -12.38
C SER D 79 -0.50 1.68 -10.85
N ILE D 80 0.15 2.59 -10.11
CA ILE D 80 -0.06 2.62 -8.67
C ILE D 80 -1.53 3.09 -8.39
N ALA D 81 -2.02 4.04 -9.22
CA ALA D 81 -3.39 4.54 -9.08
C ALA D 81 -4.35 3.37 -9.17
N ARG D 82 -4.07 2.47 -10.07
CA ARG D 82 -4.92 1.31 -10.25
C ARG D 82 -4.80 0.32 -9.13
N GLU D 83 -3.62 0.16 -8.58
CA GLU D 83 -3.46 -0.76 -7.48
C GLU D 83 -4.25 -0.21 -6.26
N ILE D 84 -4.19 1.13 -6.11
CA ILE D 84 -4.90 1.85 -5.04
C ILE D 84 -6.41 1.67 -5.24
N TYR D 85 -6.86 1.75 -6.50
CA TYR D 85 -8.27 1.56 -6.79
C TYR D 85 -8.69 0.11 -6.49
N GLU D 86 -7.89 -0.85 -6.82
CA GLU D 86 -8.28 -2.20 -6.54
C GLU D 86 -8.34 -2.52 -5.05
N MET D 87 -7.51 -1.84 -4.23
CA MET D 87 -7.50 -2.06 -2.78
C MET D 87 -8.80 -1.48 -2.22
N TYR D 88 -9.21 -0.35 -2.80
CA TYR D 88 -10.43 0.37 -2.45
C TYR D 88 -11.68 -0.48 -2.72
N GLU D 89 -11.62 -1.29 -3.75
CA GLU D 89 -12.75 -2.14 -4.02
C GLU D 89 -12.99 -3.09 -2.83
N ALA D 90 -11.96 -3.38 -1.99
CA ALA D 90 -12.12 -4.29 -0.84
C ALA D 90 -12.68 -3.62 0.40
N VAL D 91 -12.79 -2.27 0.37
CA VAL D 91 -13.33 -1.54 1.51
C VAL D 91 -14.70 -1.17 1.19
N SER D 92 -14.88 -0.64 0.00
CA SER D 92 -16.22 -0.27 -0.42
C SER D 92 -17.12 -1.53 -0.61
#